data_4IMF
#
_entry.id   4IMF
#
_cell.length_a   81.710
_cell.length_b   150.230
_cell.length_c   113.090
_cell.angle_alpha   90.000
_cell.angle_beta   90.000
_cell.angle_gamma   90.000
#
_symmetry.space_group_name_H-M   'C 2 2 21'
#
loop_
_entity.id
_entity.type
_entity.pdbx_description
1 polymer 'N-acetylneuraminate lyase'
2 non-polymer '5-(acetylamino)-3,5-dideoxy-D-glycero-D-galacto-non-2-ulosonic acid'
3 non-polymer 1-ETHOXY-2-(2-METHOXYETHOXY)ETHANE
4 non-polymer 'CHLORIDE ION'
5 non-polymer 'ISOPROPYL ALCOHOL'
6 water water
#
_entity_poly.entity_id   1
_entity_poly.type   'polypeptide(L)'
_entity_poly.pdbx_seq_one_letter_code
;MKNLKGIFSALLVSFNADGSINEKGLRQIVRYNIDKMKVDGLYVGGSTGENFMLSTEEKKEIFRIAKDEAKDEIALIAQV
GSVNLQEAIELGKYATELGYDSLSAVTPFYYKFSFPEIKHYYDSIIEATGNYMIVYSIPFLTGVNIGVEQFGELYKNPKV
LGVAFTAGDFYLLERLKKAYPNHLIWAGFDEMMLPAASLGVDGAIGSTFNVNGVRARQIFELTQAGKLKEALEIQHVTND
LIEGILANGLYLTIKELLKLDGVEAGYCREPMTKELSSEKVAFAKELKAKYLS
;
_entity_poly.pdbx_strand_id   A,B
#
loop_
_chem_comp.id
_chem_comp.type
_chem_comp.name
_chem_comp.formula
CL non-polymer 'CHLORIDE ION' 'Cl -1'
IPA non-polymer 'ISOPROPYL ALCOHOL' 'C3 H8 O'
ME2 non-polymer 1-ETHOXY-2-(2-METHOXYETHOXY)ETHANE 'C7 H16 O3'
SI3 D-saccharide '5-(acetylamino)-3,5-dideoxy-D-glycero-D-galacto-non-2-ulosonic acid' 'C11 H19 N O9'
#
# COMPACT_ATOMS: atom_id res chain seq x y z
N LYS A 2 25.31 11.09 15.33
CA LYS A 2 24.79 12.49 15.27
C LYS A 2 23.55 12.69 16.15
N ASN A 3 23.24 13.96 16.41
CA ASN A 3 22.04 14.41 17.10
C ASN A 3 20.88 14.28 16.10
N LEU A 4 19.81 13.59 16.46
CA LEU A 4 18.68 13.44 15.51
C LEU A 4 17.49 14.35 15.82
N LYS A 5 17.69 15.28 16.75
CA LYS A 5 16.69 16.27 17.14
C LYS A 5 16.60 17.40 16.11
N GLY A 6 15.46 18.10 16.11
CA GLY A 6 15.31 19.30 15.28
C GLY A 6 14.59 19.11 13.96
N ILE A 7 15.01 19.88 12.95
CA ILE A 7 14.20 20.11 11.73
C ILE A 7 14.68 19.22 10.59
N PHE A 8 13.81 18.34 10.13
CA PHE A 8 14.17 17.44 9.02
C PHE A 8 13.21 17.66 7.88
N SER A 9 13.72 18.00 6.70
CA SER A 9 12.85 18.01 5.54
C SER A 9 12.63 16.58 5.08
N ALA A 10 11.40 16.30 4.72
CA ALA A 10 11.08 15.04 4.06
C ALA A 10 11.45 15.32 2.61
N LEU A 11 12.53 14.68 2.17
CA LEU A 11 13.09 14.98 0.87
C LEU A 11 12.17 14.66 -0.32
N LEU A 12 11.92 15.69 -1.13
CA LEU A 12 11.28 15.52 -2.45
C LEU A 12 12.28 15.04 -3.49
N VAL A 13 11.81 14.34 -4.52
CA VAL A 13 12.70 13.79 -5.52
C VAL A 13 12.34 14.43 -6.88
N SER A 14 13.35 14.87 -7.63
CA SER A 14 13.12 15.35 -9.03
C SER A 14 12.95 14.20 -10.04
N PHE A 15 11.81 14.17 -10.75
CA PHE A 15 11.64 13.20 -11.80
C PHE A 15 11.70 13.83 -13.19
N ASN A 16 12.14 13.03 -14.16
CA ASN A 16 12.01 13.40 -15.59
C ASN A 16 10.61 13.08 -16.11
N ALA A 17 10.31 13.52 -17.33
CA ALA A 17 9.03 13.28 -17.99
C ALA A 17 8.63 11.80 -18.06
N ASP A 18 9.60 10.91 -18.24
CA ASP A 18 9.30 9.52 -18.37
C ASP A 18 9.25 8.82 -17.00
N GLY A 19 9.36 9.59 -15.91
CA GLY A 19 9.30 9.06 -14.52
C GLY A 19 10.62 8.60 -13.91
N SER A 20 11.72 8.67 -14.67
CA SER A 20 13.06 8.33 -14.15
C SER A 20 13.52 9.44 -13.24
N ILE A 21 14.40 9.09 -12.31
CA ILE A 21 15.00 10.06 -11.41
C ILE A 21 15.91 11.03 -12.18
N ASN A 22 15.79 12.29 -11.83
CA ASN A 22 16.71 13.30 -12.39
C ASN A 22 17.76 13.54 -11.31
N GLU A 23 18.94 12.96 -11.49
CA GLU A 23 19.99 13.05 -10.47
C GLU A 23 20.45 14.47 -10.18
N LYS A 24 20.61 15.29 -11.23
CA LYS A 24 21.07 16.67 -11.06
C LYS A 24 20.06 17.44 -10.18
N GLY A 25 18.79 17.28 -10.52
CA GLY A 25 17.69 17.88 -9.78
C GLY A 25 17.65 17.42 -8.34
N LEU A 26 17.80 16.12 -8.15
CA LEU A 26 17.73 15.58 -6.78
C LEU A 26 18.86 16.16 -5.92
N ARG A 27 20.05 16.25 -6.50
CA ARG A 27 21.17 16.89 -5.80
C ARG A 27 20.90 18.38 -5.45
N GLN A 28 20.23 19.12 -6.35
CA GLN A 28 19.96 20.55 -6.11
C GLN A 28 18.95 20.66 -4.95
N ILE A 29 17.97 19.77 -4.93
CA ILE A 29 17.05 19.72 -3.77
C ILE A 29 17.80 19.50 -2.46
N VAL A 30 18.73 18.57 -2.46
CA VAL A 30 19.44 18.23 -1.22
C VAL A 30 20.30 19.45 -0.81
N ARG A 31 21.02 19.99 -1.78
CA ARG A 31 21.86 21.16 -1.60
C ARG A 31 21.07 22.33 -1.03
N TYR A 32 19.91 22.63 -1.65
CA TYR A 32 19.00 23.69 -1.20
C TYR A 32 18.51 23.54 0.27
N ASN A 33 18.19 22.31 0.66
CA ASN A 33 17.78 22.07 2.05
C ASN A 33 18.91 22.33 3.04
N ILE A 34 20.12 21.87 2.66
CA ILE A 34 21.31 22.01 3.52
C ILE A 34 21.73 23.47 3.56
N ASP A 35 21.87 24.10 2.39
CA ASP A 35 22.46 25.44 2.27
C ASP A 35 21.49 26.61 2.54
N LYS A 36 20.22 26.48 2.13
CA LYS A 36 19.30 27.62 2.21
C LYS A 36 18.21 27.44 3.27
N MET A 37 17.64 26.25 3.33
CA MET A 37 16.67 25.98 4.44
C MET A 37 17.30 25.74 5.78
N LYS A 38 18.59 25.41 5.74
CA LYS A 38 19.40 25.14 6.95
C LYS A 38 18.82 24.09 7.86
N VAL A 39 18.42 22.96 7.29
CA VAL A 39 17.82 21.86 8.07
C VAL A 39 18.89 21.13 8.90
N ASP A 40 18.46 20.40 9.94
CA ASP A 40 19.35 19.61 10.76
C ASP A 40 19.56 18.28 10.05
N GLY A 41 18.54 17.88 9.26
CA GLY A 41 18.66 16.65 8.54
C GLY A 41 17.66 16.45 7.41
N LEU A 42 17.80 15.30 6.72
CA LEU A 42 16.82 14.88 5.71
C LEU A 42 16.19 13.53 6.08
N TYR A 43 14.89 13.40 5.82
CA TYR A 43 14.19 12.13 5.95
C TYR A 43 13.97 11.72 4.51
N VAL A 44 14.71 10.70 4.08
CA VAL A 44 14.74 10.27 2.69
C VAL A 44 13.89 9.00 2.50
N GLY A 45 13.11 8.96 1.44
CA GLY A 45 12.25 7.80 1.13
C GLY A 45 10.89 7.77 1.79
N GLY A 46 10.49 8.92 2.33
CA GLY A 46 9.18 9.04 2.98
C GLY A 46 8.06 9.17 1.95
N SER A 47 6.82 9.31 2.42
CA SER A 47 5.63 9.52 1.53
C SER A 47 5.91 10.73 0.57
N THR A 48 6.47 11.82 1.13
CA THR A 48 6.80 13.06 0.39
C THR A 48 7.80 12.81 -0.76
N GLY A 49 8.69 11.82 -0.62
CA GLY A 49 9.57 11.48 -1.73
C GLY A 49 8.94 10.60 -2.80
N GLU A 50 7.60 10.44 -2.79
CA GLU A 50 6.93 9.64 -3.81
C GLU A 50 7.41 8.18 -3.81
N ASN A 51 7.94 7.77 -2.65
CA ASN A 51 8.63 6.49 -2.47
C ASN A 51 7.81 5.26 -2.87
N PHE A 52 6.53 5.29 -2.55
CA PHE A 52 5.67 4.13 -2.73
C PHE A 52 5.25 3.90 -4.16
N MET A 53 5.57 4.86 -5.05
CA MET A 53 5.38 4.66 -6.45
C MET A 53 6.62 4.18 -7.22
N LEU A 54 7.70 3.87 -6.49
CA LEU A 54 9.00 3.54 -7.13
C LEU A 54 9.45 2.09 -6.97
N SER A 55 10.38 1.64 -7.83
CA SER A 55 10.93 0.30 -7.69
C SER A 55 12.02 0.28 -6.60
N THR A 56 12.45 -0.92 -6.19
CA THR A 56 13.49 -1.02 -5.16
C THR A 56 14.79 -0.38 -5.69
N GLU A 57 15.12 -0.64 -6.96
CA GLU A 57 16.37 -0.09 -7.50
C GLU A 57 16.33 1.44 -7.50
N GLU A 58 15.15 2.00 -7.77
CA GLU A 58 15.04 3.47 -7.76
C GLU A 58 15.23 4.03 -6.35
N LYS A 59 14.61 3.36 -5.39
CA LYS A 59 14.72 3.78 -4.03
C LYS A 59 16.20 3.72 -3.63
N LYS A 60 16.89 2.64 -4.00
CA LYS A 60 18.35 2.60 -3.73
C LYS A 60 19.12 3.78 -4.34
N GLU A 61 18.81 4.10 -5.58
CA GLU A 61 19.50 5.23 -6.25
C GLU A 61 19.32 6.55 -5.51
N ILE A 62 18.09 6.80 -5.05
CA ILE A 62 17.78 7.99 -4.24
C ILE A 62 18.58 8.02 -2.94
N PHE A 63 18.56 6.92 -2.16
CA PHE A 63 19.46 6.82 -0.98
C PHE A 63 20.93 7.14 -1.32
N ARG A 64 21.40 6.54 -2.39
CA ARG A 64 22.82 6.68 -2.76
C ARG A 64 23.09 8.14 -3.09
N ILE A 65 22.26 8.69 -3.98
CA ILE A 65 22.43 10.08 -4.43
C ILE A 65 22.33 11.07 -3.25
N ALA A 66 21.31 10.94 -2.38
CA ALA A 66 21.13 11.86 -1.24
C ALA A 66 22.34 11.86 -0.32
N LYS A 67 22.83 10.65 0.01
CA LYS A 67 23.97 10.49 0.90
C LYS A 67 25.23 11.03 0.24
N ASP A 68 25.39 10.80 -1.06
CA ASP A 68 26.64 11.27 -1.72
C ASP A 68 26.64 12.81 -1.76
N GLU A 69 25.48 13.41 -2.00
CA GLU A 69 25.40 14.88 -1.98
C GLU A 69 25.52 15.54 -0.60
N ALA A 70 24.90 14.96 0.41
CA ALA A 70 24.85 15.57 1.74
C ALA A 70 26.12 15.30 2.50
N LYS A 71 26.72 14.13 2.21
CA LYS A 71 27.84 13.56 3.01
C LYS A 71 27.55 13.51 4.51
N ASP A 72 28.34 14.20 5.33
CA ASP A 72 28.01 14.27 6.77
C ASP A 72 27.76 15.67 7.27
N GLU A 73 27.35 16.54 6.37
CA GLU A 73 26.93 17.86 6.74
C GLU A 73 25.71 17.93 7.66
N ILE A 74 24.81 16.94 7.54
CA ILE A 74 23.54 16.93 8.23
C ILE A 74 23.24 15.49 8.60
N ALA A 75 22.26 15.29 9.48
CA ALA A 75 21.79 13.97 9.87
C ALA A 75 20.91 13.43 8.73
N LEU A 76 20.96 12.13 8.48
CA LEU A 76 20.12 11.53 7.43
C LEU A 76 19.36 10.33 7.99
N ILE A 77 18.06 10.25 7.70
CA ILE A 77 17.20 9.16 8.16
C ILE A 77 16.63 8.50 6.90
N ALA A 78 16.72 7.17 6.83
CA ALA A 78 16.29 6.45 5.62
C ALA A 78 14.98 5.72 5.91
N GLN A 79 13.91 6.12 5.24
CA GLN A 79 12.64 5.40 5.43
C GLN A 79 12.68 4.20 4.48
N VAL A 80 12.61 2.98 5.01
CA VAL A 80 12.79 1.78 4.23
C VAL A 80 11.58 0.84 4.28
N GLY A 81 10.50 1.28 4.93
CA GLY A 81 9.34 0.44 5.19
C GLY A 81 8.58 0.15 3.92
N SER A 82 7.77 -0.90 3.97
CA SER A 82 7.14 -1.45 2.77
C SER A 82 6.24 -2.59 3.23
N VAL A 83 5.23 -2.89 2.44
CA VAL A 83 4.39 -4.07 2.71
C VAL A 83 5.26 -5.33 2.52
N ASN A 84 6.30 -5.22 1.69
CA ASN A 84 7.25 -6.30 1.44
C ASN A 84 8.39 -6.18 2.45
N LEU A 85 8.35 -7.02 3.47
CA LEU A 85 9.43 -7.06 4.47
C LEU A 85 10.79 -7.41 3.86
N GLN A 86 10.83 -8.27 2.85
CA GLN A 86 12.16 -8.63 2.26
C GLN A 86 12.73 -7.39 1.57
N GLU A 87 11.87 -6.57 0.97
CA GLU A 87 12.36 -5.31 0.37
C GLU A 87 12.83 -4.36 1.43
N ALA A 88 12.08 -4.27 2.54
CA ALA A 88 12.42 -3.33 3.61
C ALA A 88 13.79 -3.68 4.24
N ILE A 89 14.03 -4.98 4.43
CA ILE A 89 15.34 -5.46 4.91
C ILE A 89 16.48 -5.12 3.91
N GLU A 90 16.22 -5.36 2.63
CA GLU A 90 17.24 -5.13 1.60
C GLU A 90 17.59 -3.64 1.58
N LEU A 91 16.56 -2.78 1.60
CA LEU A 91 16.75 -1.33 1.64
C LEU A 91 17.40 -0.88 2.94
N GLY A 92 16.99 -1.42 4.08
CA GLY A 92 17.61 -1.00 5.33
C GLY A 92 19.10 -1.36 5.41
N LYS A 93 19.44 -2.53 4.88
CA LYS A 93 20.88 -2.92 4.80
C LYS A 93 21.67 -1.96 3.92
N TYR A 94 21.14 -1.66 2.75
CA TYR A 94 21.80 -0.75 1.82
C TYR A 94 22.00 0.64 2.44
N ALA A 95 20.94 1.21 3.00
CA ALA A 95 20.97 2.53 3.69
C ALA A 95 21.94 2.54 4.87
N THR A 96 21.97 1.44 5.61
CA THR A 96 22.90 1.28 6.73
C THR A 96 24.33 1.26 6.21
N GLU A 97 24.57 0.50 5.13
CA GLU A 97 25.95 0.51 4.63
C GLU A 97 26.38 1.83 4.04
N LEU A 98 25.42 2.61 3.53
CA LEU A 98 25.69 3.98 3.10
C LEU A 98 26.01 4.97 4.23
N GLY A 99 25.70 4.61 5.46
CA GLY A 99 26.02 5.44 6.62
C GLY A 99 24.81 6.27 7.10
N TYR A 100 23.59 5.92 6.69
CA TYR A 100 22.41 6.63 7.22
C TYR A 100 22.39 6.54 8.76
N ASP A 101 22.10 7.65 9.44
CA ASP A 101 22.16 7.72 10.92
C ASP A 101 21.08 6.87 11.63
N SER A 102 19.95 6.66 10.97
CA SER A 102 18.87 5.82 11.53
C SER A 102 18.03 5.35 10.37
N LEU A 103 17.41 4.19 10.53
CA LEU A 103 16.33 3.82 9.64
C LEU A 103 14.99 4.30 10.19
N SER A 104 14.00 4.29 9.29
CA SER A 104 12.64 4.50 9.70
C SER A 104 11.78 3.56 8.82
N ALA A 105 10.66 3.07 9.35
CA ALA A 105 9.75 2.26 8.57
C ALA A 105 8.30 2.54 8.88
N VAL A 106 7.53 2.78 7.81
CA VAL A 106 6.08 2.89 7.91
C VAL A 106 5.52 1.59 8.52
N THR A 107 4.44 1.70 9.27
CA THR A 107 3.74 0.50 9.75
C THR A 107 3.28 -0.27 8.49
N PRO A 108 3.46 -1.60 8.44
CA PRO A 108 3.00 -2.31 7.23
C PRO A 108 1.49 -2.11 7.00
N PHE A 109 1.10 -1.90 5.75
CA PHE A 109 -0.24 -1.44 5.43
C PHE A 109 -0.89 -2.32 4.35
N TYR A 110 -2.02 -1.84 3.87
CA TYR A 110 -2.88 -2.54 2.84
C TYR A 110 -3.54 -3.76 3.54
N TYR A 111 -2.77 -4.82 3.82
CA TYR A 111 -3.34 -5.89 4.61
C TYR A 111 -3.62 -5.39 6.06
N LYS A 112 -4.52 -6.06 6.77
CA LYS A 112 -4.77 -5.59 8.12
C LYS A 112 -3.87 -6.43 9.08
N PHE A 113 -2.65 -6.01 9.25
CA PHE A 113 -1.69 -6.77 10.08
C PHE A 113 -2.04 -6.62 11.57
N SER A 114 -1.78 -7.68 12.34
CA SER A 114 -2.02 -7.63 13.77
C SER A 114 -0.87 -6.87 14.45
N PHE A 115 -1.03 -6.47 15.71
CA PHE A 115 0.11 -5.79 16.33
C PHE A 115 1.37 -6.67 16.46
N PRO A 116 1.24 -7.97 16.85
CA PRO A 116 2.42 -8.85 16.86
C PRO A 116 3.15 -8.94 15.50
N GLU A 117 2.40 -8.97 14.39
CA GLU A 117 3.03 -8.99 13.06
C GLU A 117 3.79 -7.70 12.79
N ILE A 118 3.17 -6.58 13.17
CA ILE A 118 3.80 -5.26 13.10
C ILE A 118 5.12 -5.19 13.90
N LYS A 119 5.08 -5.65 15.15
CA LYS A 119 6.27 -5.66 15.93
C LYS A 119 7.34 -6.58 15.32
N HIS A 120 6.94 -7.77 14.87
CA HIS A 120 7.91 -8.69 14.25
C HIS A 120 8.59 -8.03 13.02
N TYR A 121 7.83 -7.24 12.27
CA TYR A 121 8.37 -6.48 11.13
C TYR A 121 9.43 -5.51 11.58
N TYR A 122 9.14 -4.70 12.61
CA TYR A 122 10.19 -3.79 13.12
C TYR A 122 11.41 -4.55 13.67
N ASP A 123 11.14 -5.60 14.43
CA ASP A 123 12.25 -6.33 15.02
C ASP A 123 13.10 -7.02 13.97
N SER A 124 12.46 -7.49 12.90
CA SER A 124 13.17 -8.17 11.79
C SER A 124 14.08 -7.24 11.03
N ILE A 125 13.56 -6.06 10.64
CA ILE A 125 14.43 -5.04 10.05
C ILE A 125 15.64 -4.71 10.95
N ILE A 126 15.38 -4.51 12.25
CA ILE A 126 16.47 -4.13 13.17
C ILE A 126 17.50 -5.27 13.25
N GLU A 127 17.03 -6.51 13.41
CA GLU A 127 17.96 -7.67 13.54
C GLU A 127 18.83 -7.82 12.28
N ALA A 128 18.24 -7.59 11.10
CA ALA A 128 18.97 -7.80 9.84
C ALA A 128 19.95 -6.65 9.58
N THR A 129 19.69 -5.46 10.12
CA THR A 129 20.49 -4.29 9.76
C THR A 129 21.44 -3.85 10.85
N GLY A 130 21.05 -4.05 12.11
CA GLY A 130 21.85 -3.57 13.23
C GLY A 130 21.77 -2.07 13.47
N ASN A 131 20.89 -1.36 12.74
CA ASN A 131 20.80 0.10 12.82
C ASN A 131 19.67 0.53 13.77
N TYR A 132 19.68 1.80 14.21
CA TYR A 132 18.52 2.39 14.90
C TYR A 132 17.27 2.36 14.04
N MET A 133 16.10 2.43 14.68
CA MET A 133 14.82 2.43 13.99
C MET A 133 13.90 3.51 14.53
N ILE A 134 13.27 4.25 13.61
CA ILE A 134 12.23 5.20 14.01
C ILE A 134 10.90 4.72 13.41
N VAL A 135 9.89 4.51 14.25
CA VAL A 135 8.58 4.05 13.80
C VAL A 135 7.94 5.18 12.99
N TYR A 136 7.46 4.87 11.79
CA TYR A 136 6.82 5.97 10.98
C TYR A 136 5.32 5.69 11.03
N SER A 137 4.62 6.54 11.81
CA SER A 137 3.17 6.40 12.08
C SER A 137 2.41 7.47 11.28
N ILE A 138 1.63 7.00 10.33
CA ILE A 138 0.84 7.90 9.45
C ILE A 138 -0.56 7.34 9.23
N PRO A 139 -1.41 7.39 10.30
CA PRO A 139 -2.73 6.78 10.26
C PRO A 139 -3.63 7.32 9.10
N PHE A 140 -3.49 8.58 8.72
CA PHE A 140 -4.46 9.05 7.71
C PHE A 140 -4.21 8.41 6.32
N LEU A 141 -3.00 7.87 6.10
CA LEU A 141 -2.69 7.07 4.91
C LEU A 141 -2.78 5.53 5.12
N THR A 142 -2.34 5.02 6.28
CA THR A 142 -2.28 3.56 6.45
C THR A 142 -3.55 3.00 7.09
N GLY A 143 -4.27 3.82 7.86
CA GLY A 143 -5.42 3.30 8.58
C GLY A 143 -4.95 2.62 9.85
N VAL A 144 -3.65 2.66 10.14
CA VAL A 144 -3.13 1.92 11.36
C VAL A 144 -2.97 2.89 12.54
N ASN A 145 -3.57 2.59 13.69
CA ASN A 145 -3.47 3.50 14.82
C ASN A 145 -2.79 2.70 15.93
N ILE A 146 -1.59 3.06 16.30
CA ILE A 146 -0.85 2.36 17.40
C ILE A 146 -1.11 3.15 18.70
N GLY A 147 -1.39 2.42 19.77
CA GLY A 147 -1.83 3.01 21.07
C GLY A 147 -0.60 3.11 22.00
N VAL A 148 -0.79 3.77 23.14
CA VAL A 148 0.39 3.98 24.06
C VAL A 148 1.09 2.67 24.44
N GLU A 149 0.29 1.69 24.87
CA GLU A 149 0.87 0.45 25.39
C GLU A 149 1.56 -0.27 24.24
N GLN A 150 1.03 -0.17 23.03
CA GLN A 150 1.70 -0.82 21.89
C GLN A 150 3.07 -0.17 21.53
N PHE A 151 3.14 1.17 21.57
CA PHE A 151 4.42 1.84 21.34
C PHE A 151 5.42 1.32 22.40
N GLY A 152 4.94 1.12 23.60
CA GLY A 152 5.83 0.62 24.64
C GLY A 152 6.36 -0.76 24.33
N GLU A 153 5.54 -1.66 23.73
CA GLU A 153 6.05 -2.96 23.29
C GLU A 153 7.10 -2.79 22.19
N LEU A 154 6.87 -1.89 21.22
CA LEU A 154 7.88 -1.57 20.23
C LEU A 154 9.15 -1.06 20.89
N TYR A 155 8.98 -0.23 21.93
CA TYR A 155 10.14 0.36 22.57
C TYR A 155 10.91 -0.60 23.48
N LYS A 156 10.44 -1.83 23.61
CA LYS A 156 11.21 -2.89 24.30
C LYS A 156 12.47 -3.26 23.47
N ASN A 157 12.46 -2.97 22.18
CA ASN A 157 13.66 -3.12 21.36
C ASN A 157 14.49 -1.86 21.53
N PRO A 158 15.68 -1.98 22.16
CA PRO A 158 16.51 -0.81 22.49
C PRO A 158 17.02 0.00 21.27
N LYS A 159 16.92 -0.55 20.06
CA LYS A 159 17.33 0.21 18.87
C LYS A 159 16.21 1.07 18.32
N VAL A 160 15.03 0.98 18.92
CA VAL A 160 13.90 1.83 18.46
C VAL A 160 14.02 3.15 19.23
N LEU A 161 14.13 4.25 18.49
CA LEU A 161 14.52 5.54 19.08
C LEU A 161 13.31 6.38 19.44
N GLY A 162 12.20 6.06 18.78
CA GLY A 162 10.95 6.83 18.92
C GLY A 162 10.11 6.78 17.66
N VAL A 163 9.39 7.85 17.42
CA VAL A 163 8.33 7.83 16.40
C VAL A 163 8.29 9.14 15.59
N ALA A 164 8.20 8.98 14.24
CA ALA A 164 7.88 10.07 13.30
C ALA A 164 6.36 10.07 13.25
N PHE A 165 5.80 11.10 13.88
CA PHE A 165 4.39 11.09 14.33
C PHE A 165 3.60 12.00 13.34
N THR A 166 3.25 11.44 12.20
CA THR A 166 2.39 12.16 11.23
C THR A 166 0.94 11.82 11.55
N ALA A 167 0.51 12.32 12.69
CA ALA A 167 -0.74 11.98 13.30
C ALA A 167 -1.20 13.25 14.02
N GLY A 168 -2.50 13.35 14.25
CA GLY A 168 -2.99 14.59 14.84
C GLY A 168 -3.62 14.43 16.21
N ASP A 169 -3.45 13.26 16.84
CA ASP A 169 -4.03 13.05 18.20
C ASP A 169 -3.03 13.56 19.28
N PHE A 170 -3.28 14.75 19.79
CA PHE A 170 -2.38 15.38 20.71
C PHE A 170 -2.52 14.82 22.15
N TYR A 171 -3.60 14.06 22.37
CA TYR A 171 -3.74 13.39 23.67
C TYR A 171 -2.75 12.21 23.63
N LEU A 172 -2.80 11.42 22.56
CA LEU A 172 -1.81 10.34 22.35
C LEU A 172 -0.39 10.89 22.44
N LEU A 173 -0.14 12.01 21.76
CA LEU A 173 1.18 12.65 21.78
C LEU A 173 1.68 12.93 23.19
N GLU A 174 0.85 13.64 23.96
CA GLU A 174 1.17 13.93 25.35
C GLU A 174 1.40 12.63 26.12
N ARG A 175 0.52 11.64 25.93
CA ARG A 175 0.67 10.39 26.68
C ARG A 175 1.99 9.64 26.37
N LEU A 176 2.45 9.69 25.12
CA LEU A 176 3.70 9.04 24.73
C LEU A 176 4.90 9.72 25.35
N LYS A 177 4.83 11.05 25.45
CA LYS A 177 5.89 11.75 26.15
C LYS A 177 5.89 11.49 27.61
N LYS A 178 4.69 11.34 28.19
CA LYS A 178 4.59 11.05 29.60
C LYS A 178 5.14 9.66 29.89
N ALA A 179 4.76 8.66 29.08
CA ALA A 179 5.12 7.27 29.38
C ALA A 179 6.57 6.94 29.01
N TYR A 180 7.06 7.55 27.92
CA TYR A 180 8.41 7.25 27.37
C TYR A 180 9.22 8.55 27.23
N PRO A 181 9.57 9.19 28.36
CA PRO A 181 10.18 10.53 28.29
C PRO A 181 11.55 10.51 27.65
N ASN A 182 12.19 9.36 27.58
CA ASN A 182 13.48 9.25 26.89
C ASN A 182 13.42 8.89 25.43
N HIS A 183 12.23 8.52 24.94
CA HIS A 183 12.08 8.28 23.50
C HIS A 183 11.67 9.56 22.75
N LEU A 184 12.12 9.66 21.51
CA LEU A 184 11.95 10.85 20.69
C LEU A 184 10.63 10.82 19.93
N ILE A 185 10.08 12.01 19.71
CA ILE A 185 8.97 12.24 18.79
C ILE A 185 9.31 13.37 17.82
N TRP A 186 9.09 13.12 16.54
CA TRP A 186 9.17 14.16 15.50
C TRP A 186 7.72 14.36 15.02
N ALA A 187 7.25 15.59 15.16
CA ALA A 187 5.92 15.96 14.67
C ALA A 187 5.95 15.86 13.15
N GLY A 188 4.85 15.39 12.56
CA GLY A 188 4.76 15.16 11.12
C GLY A 188 3.81 16.10 10.41
N PHE A 189 2.96 16.83 11.15
CA PHE A 189 2.06 17.79 10.42
C PHE A 189 2.55 19.23 10.63
N ASP A 190 3.12 19.80 9.56
CA ASP A 190 3.79 21.11 9.60
C ASP A 190 2.81 22.19 10.04
N GLU A 191 1.54 22.03 9.68
CA GLU A 191 0.49 23.05 9.96
C GLU A 191 0.01 22.92 11.40
N MET A 192 0.57 21.95 12.14
CA MET A 192 0.29 21.86 13.60
C MET A 192 1.59 21.82 14.42
N MET A 193 2.65 22.41 13.87
CA MET A 193 3.94 22.40 14.56
C MET A 193 3.94 23.03 15.95
N LEU A 194 3.35 24.23 16.05
CA LEU A 194 3.29 24.98 17.29
C LEU A 194 2.65 24.15 18.44
N PRO A 195 1.41 23.64 18.25
CA PRO A 195 0.85 22.88 19.39
C PRO A 195 1.69 21.61 19.69
N ALA A 196 2.30 21.00 18.67
CA ALA A 196 3.18 19.85 18.94
C ALA A 196 4.45 20.22 19.71
N ALA A 197 5.09 21.32 19.27
CA ALA A 197 6.24 21.91 19.97
C ALA A 197 5.86 22.26 21.42
N SER A 198 4.64 22.72 21.66
CA SER A 198 4.24 23.06 23.05
C SER A 198 4.25 21.84 23.99
N LEU A 199 3.95 20.66 23.45
CA LEU A 199 4.01 19.37 24.16
C LEU A 199 5.41 18.71 24.28
N GLY A 200 6.45 19.36 23.76
CA GLY A 200 7.82 18.91 23.98
C GLY A 200 8.34 17.92 22.95
N VAL A 201 7.79 17.93 21.72
CA VAL A 201 8.36 17.07 20.66
C VAL A 201 9.83 17.45 20.44
N ASP A 202 10.61 16.51 19.90
CA ASP A 202 12.05 16.68 19.80
C ASP A 202 12.49 17.27 18.48
N GLY A 203 11.55 17.36 17.55
CA GLY A 203 11.86 17.94 16.27
C GLY A 203 10.63 17.74 15.40
N ALA A 204 10.82 17.89 14.09
CA ALA A 204 9.71 17.76 13.13
C ALA A 204 10.26 17.25 11.80
N ILE A 205 9.47 16.42 11.11
CA ILE A 205 9.75 15.99 9.73
C ILE A 205 8.64 16.54 8.83
N GLY A 206 8.98 17.32 7.79
CA GLY A 206 7.98 18.00 7.00
C GLY A 206 8.34 18.18 5.52
N SER A 207 7.32 18.04 4.70
CA SER A 207 7.43 18.32 3.25
C SER A 207 7.66 19.81 3.03
N THR A 208 6.95 20.64 3.79
CA THR A 208 6.98 22.07 3.45
C THR A 208 8.30 22.71 3.87
N PHE A 209 9.10 22.00 4.68
CA PHE A 209 10.38 22.54 5.12
C PHE A 209 11.38 22.64 3.98
N ASN A 210 11.20 21.92 2.89
N ASN A 210 11.13 21.90 2.89
CA ASN A 210 12.19 22.25 1.90
CA ASN A 210 11.93 22.05 1.67
C ASN A 210 11.94 23.51 1.06
C ASN A 210 11.94 23.48 1.12
N VAL A 211 10.87 24.23 1.40
CA VAL A 211 10.73 25.64 0.93
C VAL A 211 10.49 26.66 2.05
N ASN A 212 10.06 26.19 3.22
CA ASN A 212 9.64 27.07 4.34
C ASN A 212 10.45 26.78 5.60
N GLY A 213 11.63 26.17 5.43
CA GLY A 213 12.36 25.60 6.59
C GLY A 213 12.86 26.69 7.53
N VAL A 214 12.94 27.92 7.02
CA VAL A 214 13.31 29.06 7.89
C VAL A 214 12.18 29.36 8.89
N ARG A 215 10.95 29.55 8.40
CA ARG A 215 9.83 29.78 9.35
C ARG A 215 9.61 28.58 10.27
N ALA A 216 9.73 27.37 9.72
CA ALA A 216 9.55 26.16 10.50
C ALA A 216 10.49 26.13 11.73
N ARG A 217 11.75 26.47 11.52
CA ARG A 217 12.70 26.60 12.64
C ARG A 217 12.31 27.69 13.67
N GLN A 218 11.90 28.86 13.18
CA GLN A 218 11.46 29.95 14.05
C GLN A 218 10.27 29.55 14.93
N ILE A 219 9.22 28.94 14.36
CA ILE A 219 8.10 28.40 15.16
C ILE A 219 8.61 27.44 16.22
N PHE A 220 9.51 26.55 15.81
CA PHE A 220 9.94 25.49 16.73
C PHE A 220 10.72 26.08 17.92
N GLU A 221 11.69 26.94 17.62
CA GLU A 221 12.52 27.61 18.60
C GLU A 221 11.80 28.64 19.48
N LEU A 222 10.99 29.51 18.88
CA LEU A 222 10.20 30.46 19.66
C LEU A 222 9.25 29.73 20.61
N THR A 223 8.60 28.68 20.12
CA THR A 223 7.66 27.98 21.03
C THR A 223 8.38 27.36 22.20
N GLN A 224 9.50 26.72 21.93
CA GLN A 224 10.13 26.02 23.04
CA GLN A 224 10.28 25.99 22.94
C GLN A 224 10.94 26.96 23.92
N ALA A 225 11.14 28.21 23.43
CA ALA A 225 11.64 29.30 24.30
C ALA A 225 10.50 30.04 25.04
N GLY A 226 9.26 29.62 24.82
CA GLY A 226 8.08 30.27 25.42
C GLY A 226 7.54 31.55 24.78
N LYS A 227 8.03 31.92 23.60
CA LYS A 227 7.49 33.11 22.96
C LYS A 227 6.40 32.75 21.94
N LEU A 228 5.22 32.48 22.50
CA LEU A 228 4.08 31.92 21.81
C LEU A 228 3.35 32.95 20.97
N LYS A 229 3.30 34.19 21.43
CA LYS A 229 2.71 35.25 20.64
C LYS A 229 3.41 35.36 19.27
N GLU A 230 4.73 35.32 19.26
CA GLU A 230 5.52 35.41 18.00
C GLU A 230 5.49 34.11 17.17
N ALA A 231 5.62 32.98 17.86
CA ALA A 231 5.54 31.67 17.22
C ALA A 231 4.17 31.52 16.55
N LEU A 232 3.12 32.00 17.22
CA LEU A 232 1.76 31.91 16.68
C LEU A 232 1.63 32.71 15.40
N GLU A 233 2.21 33.91 15.40
CA GLU A 233 2.18 34.76 14.20
C GLU A 233 2.80 34.08 13.01
N ILE A 234 3.95 33.48 13.26
CA ILE A 234 4.71 32.83 12.21
C ILE A 234 3.94 31.56 11.79
N GLN A 235 3.28 30.90 12.74
CA GLN A 235 2.43 29.74 12.37
C GLN A 235 1.23 30.11 11.47
N HIS A 236 0.56 31.23 11.79
CA HIS A 236 -0.52 31.78 10.96
C HIS A 236 -0.09 32.03 9.51
N VAL A 237 1.07 32.68 9.30
CA VAL A 237 1.54 32.93 7.93
C VAL A 237 1.92 31.62 7.27
N THR A 238 2.56 30.73 8.01
CA THR A 238 2.91 29.44 7.42
C THR A 238 1.70 28.63 6.99
N ASN A 239 0.64 28.72 7.76
CA ASN A 239 -0.59 28.04 7.45
C ASN A 239 -1.36 28.69 6.31
N ASP A 240 -1.21 30.01 6.11
CA ASP A 240 -1.68 30.60 4.84
C ASP A 240 -0.96 29.95 3.65
N LEU A 241 0.36 29.85 3.75
CA LEU A 241 1.14 29.21 2.69
C LEU A 241 0.75 27.75 2.49
N ILE A 242 0.64 27.02 3.61
CA ILE A 242 0.30 25.58 3.55
C ILE A 242 -1.13 25.38 3.04
N GLU A 243 -2.09 26.19 3.48
CA GLU A 243 -3.41 26.04 2.95
C GLU A 243 -3.38 26.22 1.37
N GLY A 244 -2.63 27.23 0.93
CA GLY A 244 -2.40 27.50 -0.51
C GLY A 244 -1.83 26.31 -1.24
N ILE A 245 -0.78 25.74 -0.66
CA ILE A 245 -0.06 24.62 -1.23
C ILE A 245 -0.99 23.40 -1.32
N LEU A 246 -1.69 23.08 -0.22
CA LEU A 246 -2.63 21.96 -0.22
C LEU A 246 -3.74 22.16 -1.27
N ALA A 247 -4.27 23.38 -1.41
CA ALA A 247 -5.35 23.61 -2.38
C ALA A 247 -4.84 23.43 -3.82
N ASN A 248 -3.59 23.79 -4.04
CA ASN A 248 -3.07 23.86 -5.41
C ASN A 248 -2.52 22.52 -5.81
N GLY A 249 -2.20 21.67 -4.81
CA GLY A 249 -1.62 20.36 -5.13
C GLY A 249 -0.27 20.29 -4.44
N LEU A 250 -0.22 19.54 -3.35
CA LEU A 250 0.91 19.54 -2.45
C LEU A 250 2.34 19.31 -3.00
N TYR A 251 2.66 18.11 -3.48
CA TYR A 251 4.01 17.85 -3.93
C TYR A 251 4.37 18.69 -5.15
N LEU A 252 3.45 18.82 -6.10
CA LEU A 252 3.77 19.62 -7.32
C LEU A 252 4.04 21.06 -6.95
N THR A 253 3.30 21.56 -5.95
CA THR A 253 3.40 22.99 -5.63
C THR A 253 4.68 23.31 -4.85
N ILE A 254 5.08 22.42 -3.93
CA ILE A 254 6.38 22.57 -3.30
C ILE A 254 7.48 22.52 -4.36
N LYS A 255 7.37 21.59 -5.30
CA LYS A 255 8.31 21.56 -6.42
C LYS A 255 8.38 22.84 -7.28
N GLU A 256 7.21 23.45 -7.50
CA GLU A 256 7.11 24.68 -8.28
C GLU A 256 7.85 25.80 -7.50
N LEU A 257 7.63 25.86 -6.18
CA LEU A 257 8.29 26.84 -5.31
C LEU A 257 9.80 26.65 -5.28
N LEU A 258 10.29 25.41 -5.29
CA LEU A 258 11.71 25.13 -5.49
C LEU A 258 12.17 25.64 -6.88
N LYS A 259 11.39 25.37 -7.93
CA LYS A 259 11.79 25.87 -9.28
C LYS A 259 11.94 27.37 -9.30
N LEU A 260 11.11 28.07 -8.54
CA LEU A 260 11.15 29.55 -8.63
C LEU A 260 12.42 30.09 -8.01
N ASP A 261 13.08 29.24 -7.23
CA ASP A 261 14.39 29.57 -6.68
C ASP A 261 15.57 28.90 -7.44
N GLY A 262 15.28 28.34 -8.62
CA GLY A 262 16.32 27.79 -9.52
C GLY A 262 16.72 26.34 -9.27
N VAL A 263 15.91 25.63 -8.46
CA VAL A 263 16.16 24.22 -8.15
C VAL A 263 15.37 23.46 -9.20
N GLU A 264 16.04 22.59 -9.97
CA GLU A 264 15.35 21.82 -10.99
C GLU A 264 14.55 20.63 -10.37
N ALA A 265 13.46 20.96 -9.68
CA ALA A 265 12.75 19.99 -8.83
C ALA A 265 11.88 19.00 -9.63
N GLY A 266 11.77 19.27 -10.95
CA GLY A 266 11.16 18.37 -11.97
C GLY A 266 9.67 18.04 -11.83
N TYR A 267 9.28 16.92 -12.43
CA TYR A 267 7.90 16.45 -12.48
C TYR A 267 7.59 15.59 -11.25
N CYS A 268 6.30 15.34 -10.99
CA CYS A 268 5.90 14.27 -10.07
C CYS A 268 5.86 12.96 -10.87
N ARG A 269 5.89 11.83 -10.17
CA ARG A 269 5.87 10.48 -10.75
C ARG A 269 4.43 10.05 -10.94
N GLU A 270 4.09 9.55 -12.13
CA GLU A 270 2.80 8.88 -12.31
C GLU A 270 2.71 7.63 -11.42
N PRO A 271 1.51 7.31 -10.91
CA PRO A 271 0.17 7.87 -11.18
C PRO A 271 -0.20 9.23 -10.52
N MET A 272 0.68 9.89 -9.76
CA MET A 272 0.37 11.32 -9.43
C MET A 272 0.34 12.16 -10.70
N THR A 273 -0.45 13.25 -10.69
CA THR A 273 -0.35 14.21 -11.82
C THR A 273 1.09 14.70 -11.96
N LYS A 274 1.62 14.62 -13.17
CA LYS A 274 3.07 14.89 -13.36
C LYS A 274 3.46 16.37 -13.36
N GLU A 275 2.51 17.23 -13.65
CA GLU A 275 2.80 18.65 -13.86
C GLU A 275 1.59 19.55 -13.55
N LEU A 276 1.85 20.77 -13.03
CA LEU A 276 0.80 21.77 -12.80
C LEU A 276 0.25 22.34 -14.11
N SER A 277 -1.04 22.66 -14.13
CA SER A 277 -1.58 23.44 -15.27
C SER A 277 -1.07 24.89 -15.18
N SER A 278 -1.30 25.66 -16.24
CA SER A 278 -0.91 27.07 -16.26
C SER A 278 -1.46 27.88 -15.14
N GLU A 279 -2.74 27.68 -14.87
CA GLU A 279 -3.49 28.37 -13.79
C GLU A 279 -2.87 28.05 -12.43
N LYS A 280 -2.50 26.80 -12.25
CA LYS A 280 -1.89 26.41 -10.98
C LYS A 280 -0.44 26.87 -10.82
N VAL A 281 0.25 27.03 -11.97
CA VAL A 281 1.58 27.59 -11.90
C VAL A 281 1.43 29.05 -11.44
N ALA A 282 0.49 29.77 -12.03
CA ALA A 282 0.29 31.16 -11.68
C ALA A 282 -0.09 31.31 -10.20
N PHE A 283 -0.85 30.36 -9.68
CA PHE A 283 -1.20 30.45 -8.26
C PHE A 283 0.04 30.21 -7.38
N ALA A 284 0.88 29.25 -7.80
CA ALA A 284 2.09 28.98 -7.04
C ALA A 284 3.01 30.20 -7.06
N LYS A 285 3.08 30.89 -8.18
CA LYS A 285 3.87 32.14 -8.24
C LYS A 285 3.32 33.19 -7.28
N GLU A 286 2.00 33.26 -7.13
CA GLU A 286 1.41 34.19 -6.14
C GLU A 286 1.78 33.79 -4.71
N LEU A 287 1.84 32.48 -4.45
CA LEU A 287 2.27 32.01 -3.12
C LEU A 287 3.72 32.43 -2.84
N LYS A 288 4.58 32.24 -3.84
CA LYS A 288 5.97 32.66 -3.80
C LYS A 288 6.09 34.16 -3.49
N ALA A 289 5.31 34.99 -4.19
CA ALA A 289 5.42 36.45 -4.06
C ALA A 289 4.96 36.87 -2.65
N LYS A 290 3.87 36.29 -2.17
CA LYS A 290 3.30 36.65 -0.86
C LYS A 290 4.04 36.13 0.35
N TYR A 291 4.68 34.98 0.24
CA TYR A 291 5.12 34.22 1.45
C TYR A 291 6.60 33.87 1.44
N LEU A 292 7.25 33.88 0.28
CA LEU A 292 8.61 33.33 0.18
C LEU A 292 9.49 34.21 -0.70
N SER A 293 9.28 35.50 -0.68
CA SER A 293 10.15 36.30 -1.52
C SER A 293 10.84 37.40 -0.75
N LYS B 2 -11.63 -16.71 -24.47
CA LYS B 2 -12.34 -17.57 -23.49
C LYS B 2 -13.50 -16.84 -22.80
N ASN B 3 -14.48 -17.61 -22.37
CA ASN B 3 -15.56 -17.11 -21.56
C ASN B 3 -15.00 -16.81 -20.15
N LEU B 4 -15.17 -15.57 -19.70
CA LEU B 4 -14.64 -15.18 -18.38
C LEU B 4 -15.67 -15.17 -17.26
N LYS B 5 -16.83 -15.77 -17.52
CA LYS B 5 -17.90 -15.90 -16.53
C LYS B 5 -17.69 -17.08 -15.54
N GLY B 6 -18.39 -17.05 -14.42
CA GLY B 6 -18.34 -18.17 -13.49
C GLY B 6 -17.34 -18.06 -12.31
N ILE B 7 -16.87 -19.24 -11.91
CA ILE B 7 -16.23 -19.42 -10.60
C ILE B 7 -14.71 -19.38 -10.74
N PHE B 8 -14.10 -18.37 -10.13
CA PHE B 8 -12.67 -18.13 -10.21
C PHE B 8 -12.09 -18.19 -8.80
N SER B 9 -11.18 -19.13 -8.54
CA SER B 9 -10.48 -19.04 -7.26
C SER B 9 -9.43 -17.97 -7.35
N ALA B 10 -9.32 -17.17 -6.29
CA ALA B 10 -8.20 -16.25 -6.11
C ALA B 10 -7.05 -17.12 -5.62
N LEU B 11 -6.08 -17.33 -6.49
CA LEU B 11 -5.00 -18.29 -6.27
C LEU B 11 -4.16 -17.96 -5.06
N LEU B 12 -4.09 -18.91 -4.13
CA LEU B 12 -3.10 -18.83 -3.04
C LEU B 12 -1.76 -19.34 -3.55
N VAL B 13 -0.69 -18.87 -2.90
CA VAL B 13 0.68 -19.17 -3.27
C VAL B 13 1.37 -19.93 -2.13
N SER B 14 2.06 -21.02 -2.49
CA SER B 14 2.81 -21.81 -1.53
C SER B 14 4.18 -21.16 -1.32
N PHE B 15 4.51 -20.77 -0.07
CA PHE B 15 5.85 -20.27 0.26
C PHE B 15 6.66 -21.26 1.11
N ASN B 16 7.98 -21.22 0.96
CA ASN B 16 8.93 -21.92 1.86
C ASN B 16 9.10 -21.12 3.14
N ALA B 17 9.73 -21.77 4.10
CA ALA B 17 10.05 -21.17 5.37
C ALA B 17 10.75 -19.82 5.23
N ASP B 18 11.52 -19.61 4.17
CA ASP B 18 12.34 -18.42 4.05
C ASP B 18 11.61 -17.33 3.25
N GLY B 19 10.36 -17.62 2.90
CA GLY B 19 9.52 -16.68 2.15
C GLY B 19 9.58 -16.88 0.66
N SER B 20 10.49 -17.72 0.16
CA SER B 20 10.60 -17.95 -1.30
C SER B 20 9.40 -18.74 -1.78
N ILE B 21 9.12 -18.64 -3.09
CA ILE B 21 8.07 -19.45 -3.72
C ILE B 21 8.40 -20.97 -3.76
N ASN B 22 7.42 -21.77 -3.36
CA ASN B 22 7.53 -23.23 -3.52
C ASN B 22 6.77 -23.60 -4.83
N GLU B 23 7.52 -23.75 -5.93
CA GLU B 23 6.92 -24.04 -7.24
C GLU B 23 6.11 -25.35 -7.24
N LYS B 24 6.69 -26.43 -6.69
CA LYS B 24 5.97 -27.68 -6.63
C LYS B 24 4.62 -27.48 -5.93
N GLY B 25 4.65 -26.79 -4.79
CA GLY B 25 3.45 -26.48 -4.01
C GLY B 25 2.46 -25.59 -4.77
N LEU B 26 2.95 -24.50 -5.37
CA LEU B 26 2.07 -23.67 -6.22
C LEU B 26 1.41 -24.47 -7.36
N ARG B 27 2.19 -25.35 -8.01
CA ARG B 27 1.64 -26.18 -9.07
C ARG B 27 0.51 -27.08 -8.55
N GLN B 28 0.71 -27.68 -7.38
CA GLN B 28 -0.30 -28.55 -6.78
C GLN B 28 -1.58 -27.77 -6.42
N ILE B 29 -1.42 -26.53 -5.93
CA ILE B 29 -2.61 -25.64 -5.71
C ILE B 29 -3.41 -25.42 -7.02
N VAL B 30 -2.69 -25.08 -8.10
CA VAL B 30 -3.32 -24.83 -9.41
C VAL B 30 -4.06 -26.10 -9.86
N ARG B 31 -3.35 -27.23 -9.80
CA ARG B 31 -3.95 -28.52 -10.15
C ARG B 31 -5.15 -28.87 -9.32
N TYR B 32 -5.09 -28.63 -8.02
CA TYR B 32 -6.20 -28.92 -7.13
C TYR B 32 -7.44 -28.11 -7.52
N ASN B 33 -7.21 -26.83 -7.84
CA ASN B 33 -8.29 -25.94 -8.34
C ASN B 33 -8.97 -26.45 -9.63
N ILE B 34 -8.15 -26.86 -10.59
CA ILE B 34 -8.66 -27.27 -11.89
C ILE B 34 -9.34 -28.61 -11.75
N ASP B 35 -8.66 -29.55 -11.11
CA ASP B 35 -9.07 -30.93 -11.09
C ASP B 35 -10.11 -31.27 -10.01
N LYS B 36 -10.00 -30.66 -8.82
CA LYS B 36 -10.87 -31.00 -7.69
C LYS B 36 -11.94 -29.97 -7.42
N MET B 37 -11.56 -28.71 -7.42
CA MET B 37 -12.53 -27.64 -7.22
C MET B 37 -13.32 -27.35 -8.49
N LYS B 38 -12.87 -27.89 -9.62
CA LYS B 38 -13.45 -27.62 -10.97
C LYS B 38 -13.84 -26.19 -11.22
N VAL B 39 -12.89 -25.28 -10.98
CA VAL B 39 -13.15 -23.85 -11.21
C VAL B 39 -13.16 -23.54 -12.69
N ASP B 40 -13.82 -22.45 -13.03
CA ASP B 40 -13.80 -21.94 -14.41
C ASP B 40 -12.48 -21.27 -14.72
N GLY B 41 -11.86 -20.69 -13.70
CA GLY B 41 -10.62 -19.99 -13.89
C GLY B 41 -9.89 -19.66 -12.59
N LEU B 42 -8.77 -18.96 -12.75
CA LEU B 42 -7.96 -18.51 -11.64
C LEU B 42 -7.73 -17.02 -11.77
N TYR B 43 -7.87 -16.31 -10.65
CA TYR B 43 -7.47 -14.90 -10.50
C TYR B 43 -6.13 -14.91 -9.75
N VAL B 44 -5.07 -14.58 -10.48
CA VAL B 44 -3.69 -14.76 -10.02
C VAL B 44 -3.08 -13.39 -9.65
N GLY B 45 -2.40 -13.34 -8.51
CA GLY B 45 -1.78 -12.10 -8.00
C GLY B 45 -2.71 -11.14 -7.29
N GLY B 46 -3.85 -11.62 -6.82
CA GLY B 46 -4.79 -10.80 -6.05
C GLY B 46 -4.30 -10.68 -4.61
N SER B 47 -5.06 -9.97 -3.78
CA SER B 47 -4.72 -9.83 -2.38
C SER B 47 -4.49 -11.23 -1.74
N THR B 48 -5.39 -12.18 -2.07
CA THR B 48 -5.29 -13.62 -1.63
C THR B 48 -3.95 -14.31 -1.94
N GLY B 49 -3.32 -13.91 -3.04
CA GLY B 49 -2.03 -14.51 -3.37
C GLY B 49 -0.88 -13.84 -2.65
N GLU B 50 -1.21 -13.01 -1.64
CA GLU B 50 -0.20 -12.33 -0.80
C GLU B 50 0.67 -11.42 -1.67
N ASN B 51 0.12 -11.01 -2.81
CA ASN B 51 0.85 -10.36 -3.89
C ASN B 51 1.57 -9.09 -3.41
N PHE B 52 0.94 -8.33 -2.52
CA PHE B 52 1.47 -7.01 -2.20
C PHE B 52 2.63 -7.08 -1.21
N MET B 53 2.93 -8.29 -0.76
CA MET B 53 4.14 -8.48 0.06
C MET B 53 5.37 -8.94 -0.74
N LEU B 54 5.24 -9.02 -2.07
CA LEU B 54 6.22 -9.71 -2.95
C LEU B 54 6.98 -8.76 -3.88
N SER B 55 8.15 -9.20 -4.36
CA SER B 55 8.93 -8.44 -5.37
C SER B 55 8.32 -8.56 -6.79
N THR B 56 8.74 -7.66 -7.68
CA THR B 56 8.30 -7.73 -9.06
C THR B 56 8.63 -9.10 -9.68
N GLU B 57 9.86 -9.55 -9.48
CA GLU B 57 10.31 -10.86 -9.95
C GLU B 57 9.49 -12.03 -9.43
N GLU B 58 9.14 -11.97 -8.14
CA GLU B 58 8.32 -13.03 -7.53
C GLU B 58 6.92 -13.07 -8.18
N LYS B 59 6.35 -11.89 -8.43
CA LYS B 59 5.04 -11.85 -9.06
C LYS B 59 5.10 -12.47 -10.47
N LYS B 60 6.14 -12.13 -11.22
CA LYS B 60 6.33 -12.71 -12.55
C LYS B 60 6.44 -14.23 -12.44
N GLU B 61 7.24 -14.71 -11.50
CA GLU B 61 7.43 -16.18 -11.30
C GLU B 61 6.10 -16.89 -11.04
N ILE B 62 5.25 -16.30 -10.19
CA ILE B 62 3.91 -16.82 -9.96
C ILE B 62 3.05 -16.80 -11.24
N PHE B 63 3.03 -15.69 -11.98
CA PHE B 63 2.30 -15.68 -13.28
C PHE B 63 2.76 -16.82 -14.22
N ARG B 64 4.07 -16.99 -14.28
CA ARG B 64 4.68 -18.01 -15.16
C ARG B 64 4.29 -19.44 -14.75
N ILE B 65 4.42 -19.74 -13.46
CA ILE B 65 4.09 -21.07 -12.93
C ILE B 65 2.60 -21.43 -13.17
N ALA B 66 1.69 -20.49 -12.85
CA ALA B 66 0.25 -20.77 -12.89
C ALA B 66 -0.16 -21.09 -14.32
N LYS B 67 0.32 -20.26 -15.24
CA LYS B 67 0.07 -20.40 -16.66
C LYS B 67 0.63 -21.74 -17.17
N ASP B 68 1.85 -22.07 -16.73
CA ASP B 68 2.51 -23.32 -17.13
C ASP B 68 1.70 -24.55 -16.71
N GLU B 69 1.21 -24.55 -15.47
CA GLU B 69 0.41 -25.65 -14.97
C GLU B 69 -0.97 -25.71 -15.62
N ALA B 70 -1.66 -24.56 -15.71
CA ALA B 70 -3.03 -24.52 -16.18
C ALA B 70 -3.14 -24.67 -17.68
N LYS B 71 -2.13 -24.17 -18.40
CA LYS B 71 -2.16 -24.13 -19.89
C LYS B 71 -3.47 -23.46 -20.30
N ASP B 72 -4.25 -24.11 -21.15
CA ASP B 72 -5.55 -23.55 -21.52
C ASP B 72 -6.73 -24.33 -20.99
N GLU B 73 -6.55 -25.08 -19.90
CA GLU B 73 -7.64 -25.89 -19.36
C GLU B 73 -8.73 -25.00 -18.77
N ILE B 74 -8.36 -23.81 -18.31
CA ILE B 74 -9.30 -22.89 -17.65
C ILE B 74 -8.99 -21.45 -18.03
N ALA B 75 -9.90 -20.53 -17.73
CA ALA B 75 -9.60 -19.10 -17.90
C ALA B 75 -8.59 -18.61 -16.85
N LEU B 76 -7.74 -17.65 -17.23
CA LEU B 76 -6.78 -17.00 -16.31
C LEU B 76 -6.78 -15.47 -16.37
N ILE B 77 -6.92 -14.85 -15.19
CA ILE B 77 -6.87 -13.38 -15.08
C ILE B 77 -5.68 -12.96 -14.24
N ALA B 78 -4.90 -11.97 -14.69
CA ALA B 78 -3.65 -11.56 -13.97
C ALA B 78 -3.86 -10.23 -13.29
N GLN B 79 -3.93 -10.22 -11.95
CA GLN B 79 -3.95 -8.95 -11.18
C GLN B 79 -2.55 -8.32 -11.16
N VAL B 80 -2.40 -7.13 -11.79
CA VAL B 80 -1.06 -6.55 -12.04
C VAL B 80 -0.93 -5.15 -11.45
N GLY B 81 -2.00 -4.71 -10.77
CA GLY B 81 -2.08 -3.38 -10.16
C GLY B 81 -1.09 -3.19 -9.03
N SER B 82 -0.71 -1.93 -8.84
CA SER B 82 0.35 -1.55 -7.90
C SER B 82 0.24 -0.06 -7.70
N VAL B 83 0.77 0.47 -6.58
CA VAL B 83 0.96 1.93 -6.43
C VAL B 83 2.04 2.46 -7.44
N ASN B 84 2.91 1.54 -7.87
CA ASN B 84 3.92 1.77 -8.91
C ASN B 84 3.35 1.41 -10.30
N LEU B 85 3.01 2.47 -11.04
CA LEU B 85 2.43 2.32 -12.38
C LEU B 85 3.41 1.65 -13.30
N GLN B 86 4.69 1.99 -13.19
CA GLN B 86 5.70 1.35 -14.09
C GLN B 86 5.78 -0.17 -13.78
N GLU B 87 5.65 -0.51 -12.50
CA GLU B 87 5.55 -1.92 -12.14
C GLU B 87 4.30 -2.57 -12.78
N ALA B 88 3.12 -1.97 -12.62
CA ALA B 88 1.86 -2.52 -13.20
C ALA B 88 1.99 -2.77 -14.70
N ILE B 89 2.62 -1.83 -15.39
CA ILE B 89 2.83 -1.92 -16.86
C ILE B 89 3.79 -3.10 -17.21
N GLU B 90 4.92 -3.16 -16.52
CA GLU B 90 5.86 -4.27 -16.73
C GLU B 90 5.14 -5.62 -16.49
N LEU B 91 4.40 -5.75 -15.36
CA LEU B 91 3.67 -7.00 -15.06
C LEU B 91 2.58 -7.27 -16.07
N GLY B 92 1.84 -6.22 -16.45
CA GLY B 92 0.79 -6.38 -17.43
C GLY B 92 1.35 -6.85 -18.76
N LYS B 93 2.47 -6.33 -19.16
CA LYS B 93 3.06 -6.79 -20.47
C LYS B 93 3.49 -8.25 -20.37
N TYR B 94 4.12 -8.62 -19.25
CA TYR B 94 4.59 -10.00 -19.06
C TYR B 94 3.42 -11.00 -19.05
N ALA B 95 2.35 -10.70 -18.31
CA ALA B 95 1.17 -11.60 -18.23
C ALA B 95 0.46 -11.70 -19.57
N THR B 96 0.44 -10.57 -20.28
CA THR B 96 -0.09 -10.56 -21.64
C THR B 96 0.71 -11.43 -22.61
N GLU B 97 2.04 -11.36 -22.51
CA GLU B 97 2.90 -12.25 -23.29
C GLU B 97 2.71 -13.73 -22.93
N LEU B 98 2.46 -14.02 -21.65
CA LEU B 98 2.13 -15.37 -21.21
C LEU B 98 0.82 -15.91 -21.78
N GLY B 99 -0.03 -15.01 -22.26
CA GLY B 99 -1.34 -15.41 -22.74
C GLY B 99 -2.44 -15.37 -21.68
N TYR B 100 -2.31 -14.51 -20.68
CA TYR B 100 -3.42 -14.28 -19.72
C TYR B 100 -4.64 -13.70 -20.44
N ASP B 101 -5.83 -14.23 -20.13
CA ASP B 101 -7.06 -13.93 -20.86
C ASP B 101 -7.54 -12.49 -20.62
N SER B 102 -7.23 -11.95 -19.45
CA SER B 102 -7.43 -10.54 -19.12
C SER B 102 -6.45 -10.13 -18.01
N LEU B 103 -6.12 -8.84 -17.97
CA LEU B 103 -5.49 -8.24 -16.79
C LEU B 103 -6.55 -7.71 -15.84
N SER B 104 -6.09 -7.47 -14.61
CA SER B 104 -6.95 -6.78 -13.67
C SER B 104 -5.98 -5.89 -12.86
N ALA B 105 -6.50 -4.81 -12.26
CA ALA B 105 -5.64 -3.93 -11.42
C ALA B 105 -6.41 -3.25 -10.32
N VAL B 106 -5.87 -3.36 -9.10
CA VAL B 106 -6.40 -2.70 -7.91
C VAL B 106 -6.35 -1.18 -8.20
N THR B 107 -7.36 -0.45 -7.71
CA THR B 107 -7.26 1.01 -7.69
C THR B 107 -5.95 1.42 -6.98
N PRO B 108 -5.21 2.38 -7.54
CA PRO B 108 -3.96 2.77 -6.85
C PRO B 108 -4.29 3.33 -5.45
N PHE B 109 -3.49 2.92 -4.45
CA PHE B 109 -3.86 3.15 -3.07
C PHE B 109 -2.69 3.84 -2.35
N TYR B 110 -2.82 3.92 -1.02
CA TYR B 110 -1.88 4.59 -0.11
C TYR B 110 -1.96 6.11 -0.21
N TYR B 111 -1.43 6.66 -1.32
CA TYR B 111 -1.67 8.06 -1.63
C TYR B 111 -3.17 8.29 -1.92
N LYS B 112 -3.62 9.51 -1.76
CA LYS B 112 -5.06 9.83 -2.00
C LYS B 112 -5.21 10.35 -3.47
N PHE B 113 -5.21 9.43 -4.42
CA PHE B 113 -5.23 9.82 -5.86
C PHE B 113 -6.63 10.34 -6.23
N SER B 114 -6.66 11.31 -7.15
CA SER B 114 -7.93 11.80 -7.65
C SER B 114 -8.48 10.81 -8.71
N PHE B 115 -9.76 10.97 -9.04
CA PHE B 115 -10.33 10.08 -10.00
C PHE B 115 -9.66 10.18 -11.40
N PRO B 116 -9.28 11.40 -11.83
CA PRO B 116 -8.55 11.47 -13.08
C PRO B 116 -7.24 10.71 -13.10
N GLU B 117 -6.53 10.75 -11.98
CA GLU B 117 -5.28 10.01 -11.87
C GLU B 117 -5.55 8.50 -11.93
N ILE B 118 -6.59 8.04 -11.24
CA ILE B 118 -6.98 6.62 -11.26
C ILE B 118 -7.37 6.20 -12.71
N LYS B 119 -8.11 7.04 -13.42
CA LYS B 119 -8.47 6.69 -14.79
C LYS B 119 -7.22 6.65 -15.68
N HIS B 120 -6.32 7.63 -15.50
CA HIS B 120 -5.11 7.66 -16.28
C HIS B 120 -4.28 6.35 -16.08
N TYR B 121 -4.25 5.88 -14.83
CA TYR B 121 -3.59 4.62 -14.47
C TYR B 121 -4.19 3.47 -15.24
N TYR B 122 -5.52 3.28 -15.22
CA TYR B 122 -6.13 2.19 -16.03
C TYR B 122 -5.82 2.31 -17.54
N ASP B 123 -6.06 3.49 -18.06
CA ASP B 123 -5.84 3.71 -19.50
C ASP B 123 -4.38 3.43 -19.94
N SER B 124 -3.41 3.78 -19.08
CA SER B 124 -1.98 3.61 -19.37
C SER B 124 -1.60 2.14 -19.41
N ILE B 125 -2.13 1.36 -18.46
CA ILE B 125 -1.87 -0.09 -18.46
C ILE B 125 -2.43 -0.73 -19.74
N ILE B 126 -3.64 -0.33 -20.11
CA ILE B 126 -4.30 -0.85 -21.32
C ILE B 126 -3.52 -0.43 -22.53
N GLU B 127 -3.09 0.83 -22.57
CA GLU B 127 -2.39 1.33 -23.76
C GLU B 127 -1.09 0.54 -23.97
N ALA B 128 -0.42 0.25 -22.85
CA ALA B 128 0.90 -0.41 -22.89
C ALA B 128 0.83 -1.90 -23.19
N THR B 129 -0.30 -2.55 -22.91
CA THR B 129 -0.36 -4.01 -23.00
C THR B 129 -1.22 -4.49 -24.16
N GLY B 130 -2.17 -3.65 -24.55
CA GLY B 130 -3.18 -4.05 -25.56
C GLY B 130 -4.17 -5.12 -25.07
N ASN B 131 -4.21 -5.41 -23.77
CA ASN B 131 -5.02 -6.51 -23.21
C ASN B 131 -6.29 -5.96 -22.58
N TYR B 132 -7.26 -6.85 -22.34
CA TYR B 132 -8.45 -6.53 -21.56
C TYR B 132 -8.09 -6.16 -20.14
N MET B 133 -8.99 -5.40 -19.51
CA MET B 133 -8.76 -4.92 -18.14
C MET B 133 -10.03 -5.09 -17.27
N ILE B 134 -9.84 -5.67 -16.08
CA ILE B 134 -10.88 -5.76 -15.08
C ILE B 134 -10.47 -4.84 -13.91
N VAL B 135 -11.30 -3.84 -13.59
CA VAL B 135 -11.06 -2.98 -12.42
C VAL B 135 -11.17 -3.81 -11.13
N TYR B 136 -10.17 -3.73 -10.27
CA TYR B 136 -10.24 -4.49 -9.00
C TYR B 136 -10.58 -3.52 -7.88
N SER B 137 -11.82 -3.60 -7.38
CA SER B 137 -12.31 -2.64 -6.42
C SER B 137 -12.38 -3.35 -5.06
N ILE B 138 -11.60 -2.85 -4.11
CA ILE B 138 -11.56 -3.48 -2.78
C ILE B 138 -11.49 -2.39 -1.69
N PRO B 139 -12.60 -1.69 -1.49
CA PRO B 139 -12.62 -0.48 -0.63
C PRO B 139 -12.14 -0.78 0.82
N PHE B 140 -12.44 -1.97 1.34
CA PHE B 140 -12.08 -2.18 2.75
C PHE B 140 -10.56 -2.28 2.98
N LEU B 141 -9.76 -2.53 1.92
CA LEU B 141 -8.30 -2.48 2.04
C LEU B 141 -7.75 -1.13 1.49
N THR B 142 -8.34 -0.55 0.43
CA THR B 142 -7.67 0.59 -0.18
C THR B 142 -8.26 1.89 0.35
N GLY B 143 -9.50 1.85 0.88
CA GLY B 143 -10.23 3.09 1.27
C GLY B 143 -10.75 3.83 0.02
N VAL B 144 -10.61 3.24 -1.17
CA VAL B 144 -11.08 3.96 -2.39
C VAL B 144 -12.47 3.47 -2.78
N ASN B 145 -13.45 4.36 -2.96
CA ASN B 145 -14.78 3.87 -3.31
C ASN B 145 -15.17 4.57 -4.63
N ILE B 146 -15.29 3.82 -5.70
CA ILE B 146 -15.63 4.41 -7.04
C ILE B 146 -17.15 4.32 -7.18
N GLY B 147 -17.76 5.40 -7.66
CA GLY B 147 -19.20 5.48 -7.78
C GLY B 147 -19.64 5.14 -9.20
N VAL B 148 -20.96 5.11 -9.39
CA VAL B 148 -21.56 4.61 -10.65
C VAL B 148 -21.03 5.45 -11.81
N GLU B 149 -21.06 6.77 -11.65
CA GLU B 149 -20.66 7.65 -12.79
C GLU B 149 -19.17 7.45 -13.08
N GLN B 150 -18.38 7.27 -12.03
CA GLN B 150 -16.97 7.07 -12.20
C GLN B 150 -16.67 5.75 -12.91
N PHE B 151 -17.38 4.67 -12.56
CA PHE B 151 -17.23 3.41 -13.32
C PHE B 151 -17.53 3.63 -14.80
N GLY B 152 -18.58 4.38 -15.05
CA GLY B 152 -18.93 4.76 -16.43
C GLY B 152 -17.78 5.41 -17.19
N GLU B 153 -17.01 6.27 -16.51
CA GLU B 153 -15.88 6.96 -17.15
C GLU B 153 -14.75 5.95 -17.45
N LEU B 154 -14.50 5.05 -16.50
CA LEU B 154 -13.55 3.97 -16.78
C LEU B 154 -14.02 3.11 -17.94
N TYR B 155 -15.32 2.87 -17.98
CA TYR B 155 -15.90 1.98 -19.03
C TYR B 155 -15.93 2.61 -20.42
N LYS B 156 -15.57 3.91 -20.50
CA LYS B 156 -15.37 4.58 -21.82
C LYS B 156 -14.21 3.96 -22.58
N ASN B 157 -13.25 3.37 -21.87
CA ASN B 157 -12.20 2.59 -22.52
C ASN B 157 -12.79 1.21 -22.89
N PRO B 158 -12.86 0.88 -24.19
CA PRO B 158 -13.57 -0.35 -24.53
C PRO B 158 -12.80 -1.63 -24.20
N LYS B 159 -11.57 -1.55 -23.71
CA LYS B 159 -10.90 -2.77 -23.23
C LYS B 159 -11.19 -3.07 -21.77
N VAL B 160 -11.94 -2.18 -21.11
CA VAL B 160 -12.38 -2.42 -19.75
C VAL B 160 -13.63 -3.33 -19.76
N LEU B 161 -13.50 -4.54 -19.21
CA LEU B 161 -14.60 -5.51 -19.26
C LEU B 161 -15.65 -5.41 -18.14
N GLY B 162 -15.26 -4.86 -17.00
CA GLY B 162 -16.14 -4.76 -15.86
C GLY B 162 -15.28 -4.74 -14.59
N VAL B 163 -15.81 -5.30 -13.51
CA VAL B 163 -15.23 -5.06 -12.17
C VAL B 163 -15.18 -6.32 -11.30
N ALA B 164 -14.03 -6.56 -10.67
CA ALA B 164 -13.88 -7.57 -9.60
C ALA B 164 -14.29 -6.82 -8.35
N PHE B 165 -15.49 -7.12 -7.87
CA PHE B 165 -16.18 -6.25 -6.93
C PHE B 165 -16.01 -6.84 -5.54
N THR B 166 -14.87 -6.58 -4.91
CA THR B 166 -14.66 -7.06 -3.53
C THR B 166 -15.18 -6.00 -2.56
N ALA B 167 -16.49 -5.88 -2.53
CA ALA B 167 -17.16 -4.74 -1.95
C ALA B 167 -18.53 -5.22 -1.53
N GLY B 168 -19.08 -4.55 -0.52
CA GLY B 168 -20.30 -5.11 0.12
C GLY B 168 -21.56 -4.24 -0.09
N ASP B 169 -21.45 -3.20 -0.93
CA ASP B 169 -22.63 -2.29 -1.22
C ASP B 169 -23.49 -2.84 -2.35
N PHE B 170 -24.61 -3.50 -2.02
CA PHE B 170 -25.41 -4.13 -3.04
C PHE B 170 -26.38 -3.13 -3.77
N TYR B 171 -26.53 -1.95 -3.21
CA TYR B 171 -27.23 -0.89 -4.02
C TYR B 171 -26.28 -0.46 -5.17
N LEU B 172 -25.01 -0.16 -4.85
CA LEU B 172 -24.03 0.15 -5.88
C LEU B 172 -24.01 -1.02 -6.90
N LEU B 173 -23.94 -2.24 -6.40
CA LEU B 173 -23.93 -3.41 -7.30
C LEU B 173 -25.09 -3.42 -8.29
N GLU B 174 -26.31 -3.24 -7.77
CA GLU B 174 -27.48 -3.25 -8.63
C GLU B 174 -27.43 -2.09 -9.62
N ARG B 175 -26.95 -0.94 -9.13
CA ARG B 175 -26.90 0.27 -9.98
C ARG B 175 -25.90 0.09 -11.15
N LEU B 176 -24.83 -0.66 -10.92
CA LEU B 176 -23.82 -0.91 -11.95
C LEU B 176 -24.39 -1.84 -13.03
N LYS B 177 -25.16 -2.83 -12.60
CA LYS B 177 -25.88 -3.70 -13.55
C LYS B 177 -26.98 -2.99 -14.30
N LYS B 178 -27.66 -2.05 -13.65
CA LYS B 178 -28.63 -1.26 -14.39
C LYS B 178 -27.96 -0.41 -15.45
N ALA B 179 -26.87 0.24 -15.07
CA ALA B 179 -26.32 1.28 -15.91
C ALA B 179 -25.51 0.67 -17.05
N TYR B 180 -24.80 -0.42 -16.78
CA TYR B 180 -23.81 -0.99 -17.69
C TYR B 180 -24.12 -2.48 -17.84
N PRO B 181 -25.28 -2.81 -18.45
CA PRO B 181 -25.71 -4.20 -18.42
C PRO B 181 -24.82 -5.16 -19.23
N ASN B 182 -24.01 -4.64 -20.17
CA ASN B 182 -23.06 -5.51 -20.89
C ASN B 182 -21.68 -5.63 -20.23
N HIS B 183 -21.44 -4.92 -19.13
CA HIS B 183 -20.17 -5.07 -18.45
C HIS B 183 -20.33 -6.10 -17.34
N LEU B 184 -19.26 -6.83 -17.07
CA LEU B 184 -19.32 -7.95 -16.17
C LEU B 184 -19.08 -7.53 -14.74
N ILE B 185 -19.66 -8.29 -13.80
CA ILE B 185 -19.29 -8.13 -12.38
C ILE B 185 -18.96 -9.52 -11.82
N TRP B 186 -17.81 -9.61 -11.13
CA TRP B 186 -17.49 -10.82 -10.33
C TRP B 186 -17.60 -10.43 -8.86
N ALA B 187 -18.47 -11.13 -8.11
CA ALA B 187 -18.63 -10.82 -6.67
C ALA B 187 -17.31 -11.24 -5.97
N GLY B 188 -16.87 -10.50 -4.97
CA GLY B 188 -15.59 -10.84 -4.30
C GLY B 188 -15.75 -11.25 -2.85
N PHE B 189 -16.95 -11.15 -2.25
CA PHE B 189 -17.11 -11.72 -0.89
C PHE B 189 -17.88 -13.01 -0.88
N ASP B 190 -17.14 -14.08 -0.58
CA ASP B 190 -17.62 -15.45 -0.72
C ASP B 190 -18.79 -15.70 0.21
N GLU B 191 -18.73 -15.02 1.36
CA GLU B 191 -19.75 -15.16 2.37
C GLU B 191 -21.04 -14.36 2.03
N MET B 192 -21.04 -13.63 0.90
N MET B 192 -21.02 -13.64 0.89
CA MET B 192 -22.25 -12.97 0.41
CA MET B 192 -22.20 -12.92 0.36
C MET B 192 -22.51 -13.36 -1.05
C MET B 192 -22.54 -13.37 -1.06
N MET B 193 -22.12 -14.57 -1.42
CA MET B 193 -22.32 -15.05 -2.79
C MET B 193 -23.79 -15.13 -3.21
N LEU B 194 -24.62 -15.76 -2.39
CA LEU B 194 -26.06 -15.88 -2.69
C LEU B 194 -26.67 -14.49 -3.02
N PRO B 195 -26.53 -13.48 -2.13
CA PRO B 195 -27.27 -12.22 -2.50
C PRO B 195 -26.68 -11.52 -3.73
N ALA B 196 -25.38 -11.67 -3.92
CA ALA B 196 -24.76 -11.12 -5.12
C ALA B 196 -25.25 -11.84 -6.38
N ALA B 197 -25.27 -13.20 -6.33
CA ALA B 197 -25.78 -13.99 -7.43
C ALA B 197 -27.25 -13.63 -7.75
N SER B 198 -28.05 -13.32 -6.72
CA SER B 198 -29.47 -12.95 -6.94
C SER B 198 -29.65 -11.68 -7.76
N LEU B 199 -28.66 -10.78 -7.68
CA LEU B 199 -28.62 -9.55 -8.49
C LEU B 199 -28.04 -9.73 -9.93
N GLY B 200 -27.72 -10.96 -10.32
CA GLY B 200 -27.24 -11.28 -11.67
C GLY B 200 -25.76 -10.97 -11.94
N VAL B 201 -24.90 -11.01 -10.91
CA VAL B 201 -23.44 -11.02 -11.19
C VAL B 201 -23.07 -12.18 -12.14
N ASP B 202 -21.94 -12.02 -12.82
CA ASP B 202 -21.57 -12.94 -13.89
C ASP B 202 -20.66 -14.03 -13.38
N GLY B 203 -20.15 -13.88 -12.17
CA GLY B 203 -19.32 -14.95 -11.61
C GLY B 203 -18.86 -14.46 -10.25
N ALA B 204 -17.81 -15.10 -9.71
CA ALA B 204 -17.32 -14.70 -8.41
C ALA B 204 -15.82 -15.04 -8.38
N ILE B 205 -15.08 -14.25 -7.61
CA ILE B 205 -13.63 -14.46 -7.38
C ILE B 205 -13.45 -14.60 -5.87
N GLY B 206 -12.85 -15.72 -5.42
CA GLY B 206 -12.89 -16.02 -3.97
C GLY B 206 -11.72 -16.86 -3.49
N SER B 207 -11.20 -16.47 -2.32
CA SER B 207 -10.09 -17.23 -1.68
C SER B 207 -10.59 -18.59 -1.24
N THR B 208 -11.80 -18.64 -0.67
CA THR B 208 -12.26 -19.95 -0.11
C THR B 208 -12.59 -20.95 -1.19
N PHE B 209 -12.74 -20.50 -2.46
CA PHE B 209 -12.99 -21.46 -3.52
C PHE B 209 -11.85 -22.47 -3.73
N ASN B 210 -10.66 -22.12 -3.26
CA ASN B 210 -9.53 -23.07 -3.20
C ASN B 210 -9.83 -24.41 -2.50
N VAL B 211 -10.74 -24.39 -1.53
CA VAL B 211 -11.09 -25.59 -0.74
C VAL B 211 -12.57 -25.90 -0.77
N ASN B 212 -13.42 -24.89 -1.04
CA ASN B 212 -14.88 -25.07 -0.99
C ASN B 212 -15.47 -24.74 -2.39
N GLY B 213 -14.73 -24.94 -3.48
CA GLY B 213 -15.22 -24.57 -4.83
C GLY B 213 -16.48 -25.34 -5.28
N VAL B 214 -16.63 -26.55 -4.76
CA VAL B 214 -17.82 -27.37 -5.05
C VAL B 214 -19.09 -26.71 -4.52
N ARG B 215 -19.13 -26.39 -3.22
CA ARG B 215 -20.29 -25.65 -2.66
C ARG B 215 -20.45 -24.29 -3.33
N ALA B 216 -19.34 -23.62 -3.59
CA ALA B 216 -19.46 -22.26 -4.20
C ALA B 216 -20.19 -22.30 -5.59
N ARG B 217 -19.85 -23.30 -6.40
CA ARG B 217 -20.51 -23.46 -7.69
C ARG B 217 -22.00 -23.77 -7.49
N GLN B 218 -22.31 -24.63 -6.52
CA GLN B 218 -23.70 -24.99 -6.21
C GLN B 218 -24.52 -23.78 -5.79
N ILE B 219 -23.98 -22.94 -4.87
CA ILE B 219 -24.70 -21.72 -4.43
C ILE B 219 -24.95 -20.85 -5.67
N PHE B 220 -23.91 -20.65 -6.46
CA PHE B 220 -24.00 -19.77 -7.61
C PHE B 220 -25.04 -20.29 -8.63
N GLU B 221 -24.92 -21.58 -8.99
CA GLU B 221 -25.82 -22.20 -9.97
C GLU B 221 -27.25 -22.38 -9.47
N LEU B 222 -27.42 -22.77 -8.21
CA LEU B 222 -28.78 -22.89 -7.66
C LEU B 222 -29.47 -21.51 -7.58
N THR B 223 -28.71 -20.50 -7.15
CA THR B 223 -29.27 -19.15 -7.05
C THR B 223 -29.78 -18.67 -8.42
N GLN B 224 -28.95 -18.81 -9.46
CA GLN B 224 -29.30 -18.33 -10.78
C GLN B 224 -30.44 -19.13 -11.39
N ALA B 225 -30.66 -20.36 -10.93
CA ALA B 225 -31.83 -21.16 -11.30
C ALA B 225 -33.09 -20.86 -10.44
N GLY B 226 -32.98 -19.96 -9.47
CA GLY B 226 -34.09 -19.65 -8.57
C GLY B 226 -34.40 -20.69 -7.50
N LYS B 227 -33.47 -21.63 -7.29
CA LYS B 227 -33.64 -22.61 -6.24
C LYS B 227 -33.02 -22.03 -4.94
N LEU B 228 -33.71 -21.05 -4.38
CA LEU B 228 -33.16 -20.27 -3.26
C LEU B 228 -33.07 -21.01 -1.94
N LYS B 229 -34.07 -21.85 -1.68
CA LYS B 229 -34.10 -22.65 -0.45
C LYS B 229 -32.87 -23.51 -0.33
N GLU B 230 -32.52 -24.16 -1.43
CA GLU B 230 -31.36 -25.07 -1.48
C GLU B 230 -30.04 -24.27 -1.52
N ALA B 231 -30.00 -23.17 -2.29
CA ALA B 231 -28.86 -22.25 -2.29
C ALA B 231 -28.56 -21.72 -0.88
N LEU B 232 -29.61 -21.32 -0.16
CA LEU B 232 -29.45 -20.74 1.19
C LEU B 232 -28.88 -21.75 2.18
N GLU B 233 -29.34 -22.99 2.08
CA GLU B 233 -28.77 -24.06 2.90
C GLU B 233 -27.29 -24.20 2.72
N ILE B 234 -26.86 -24.20 1.47
CA ILE B 234 -25.46 -24.41 1.16
C ILE B 234 -24.66 -23.15 1.55
N GLN B 235 -25.29 -21.98 1.43
CA GLN B 235 -24.65 -20.75 1.89
C GLN B 235 -24.44 -20.74 3.43
N HIS B 236 -25.42 -21.27 4.19
CA HIS B 236 -25.29 -21.35 5.65
C HIS B 236 -24.13 -22.21 6.07
N VAL B 237 -24.00 -23.38 5.44
CA VAL B 237 -22.92 -24.33 5.80
C VAL B 237 -21.60 -23.70 5.40
N THR B 238 -21.58 -23.15 4.18
CA THR B 238 -20.41 -22.42 3.67
C THR B 238 -19.95 -21.36 4.64
N ASN B 239 -20.92 -20.62 5.17
CA ASN B 239 -20.60 -19.55 6.06
C ASN B 239 -20.20 -20.01 7.47
N ASP B 240 -20.67 -21.16 7.92
CA ASP B 240 -20.09 -21.78 9.14
C ASP B 240 -18.59 -22.01 8.91
N LEU B 241 -18.24 -22.58 7.76
CA LEU B 241 -16.82 -22.80 7.44
C LEU B 241 -16.04 -21.50 7.34
N ILE B 242 -16.64 -20.49 6.65
CA ILE B 242 -15.88 -19.26 6.47
C ILE B 242 -15.72 -18.51 7.78
N GLU B 243 -16.76 -18.49 8.61
CA GLU B 243 -16.62 -17.84 9.92
C GLU B 243 -15.44 -18.50 10.71
N GLY B 244 -15.37 -19.82 10.64
CA GLY B 244 -14.26 -20.52 11.35
C GLY B 244 -12.92 -20.15 10.71
N ILE B 245 -12.84 -20.14 9.38
CA ILE B 245 -11.62 -19.73 8.66
C ILE B 245 -11.18 -18.33 9.07
N LEU B 246 -12.12 -17.36 9.08
CA LEU B 246 -11.82 -15.97 9.46
C LEU B 246 -11.35 -15.90 10.93
N ALA B 247 -12.01 -16.65 11.81
CA ALA B 247 -11.59 -16.61 13.23
C ALA B 247 -10.20 -17.21 13.40
N ASN B 248 -9.85 -18.17 12.55
CA ASN B 248 -8.61 -18.97 12.82
C ASN B 248 -7.41 -18.34 12.13
N GLY B 249 -7.69 -17.42 11.17
CA GLY B 249 -6.63 -16.82 10.37
C GLY B 249 -6.81 -17.19 8.92
N LEU B 250 -7.27 -16.23 8.11
CA LEU B 250 -7.83 -16.52 6.80
C LEU B 250 -6.88 -17.29 5.84
N TYR B 251 -5.78 -16.69 5.39
CA TYR B 251 -4.98 -17.37 4.38
C TYR B 251 -4.29 -18.63 4.97
N LEU B 252 -3.81 -18.54 6.19
CA LEU B 252 -3.18 -19.74 6.84
C LEU B 252 -4.13 -20.94 6.90
N THR B 253 -5.39 -20.66 7.25
CA THR B 253 -6.35 -21.74 7.45
C THR B 253 -6.75 -22.39 6.10
N ILE B 254 -6.99 -21.60 5.06
CA ILE B 254 -7.23 -22.19 3.73
C ILE B 254 -6.00 -23.02 3.33
N LYS B 255 -4.79 -22.51 3.61
CA LYS B 255 -3.62 -23.35 3.31
C LYS B 255 -3.61 -24.68 4.09
N GLU B 256 -3.99 -24.61 5.37
CA GLU B 256 -3.98 -25.83 6.18
C GLU B 256 -5.00 -26.83 5.62
N LEU B 257 -6.14 -26.32 5.15
CA LEU B 257 -7.20 -27.14 4.61
C LEU B 257 -6.78 -27.83 3.31
N LEU B 258 -6.04 -27.09 2.47
CA LEU B 258 -5.33 -27.69 1.31
C LEU B 258 -4.31 -28.79 1.70
N LYS B 259 -3.45 -28.48 2.68
CA LYS B 259 -2.49 -29.48 3.22
C LYS B 259 -3.16 -30.76 3.72
N LEU B 260 -4.30 -30.61 4.38
CA LEU B 260 -5.08 -31.75 4.84
C LEU B 260 -5.62 -32.61 3.70
N ASP B 261 -5.69 -32.07 2.48
CA ASP B 261 -5.97 -32.85 1.28
C ASP B 261 -4.75 -33.30 0.47
N GLY B 262 -3.53 -33.20 1.00
CA GLY B 262 -2.36 -33.60 0.21
C GLY B 262 -1.63 -32.53 -0.60
N VAL B 263 -2.13 -31.30 -0.56
CA VAL B 263 -1.56 -30.18 -1.34
C VAL B 263 -0.51 -29.51 -0.49
N GLU B 264 0.70 -29.34 -1.05
CA GLU B 264 1.82 -28.69 -0.36
C GLU B 264 1.67 -27.15 -0.40
N ALA B 265 0.65 -26.66 0.28
CA ALA B 265 0.27 -25.25 0.22
C ALA B 265 1.24 -24.30 0.98
N GLY B 266 2.17 -24.88 1.78
CA GLY B 266 3.27 -24.12 2.44
C GLY B 266 2.92 -23.07 3.48
N TYR B 267 3.86 -22.14 3.72
CA TYR B 267 3.73 -21.07 4.71
C TYR B 267 3.07 -19.87 4.08
N CYS B 268 2.64 -18.93 4.93
CA CYS B 268 2.37 -17.55 4.53
C CYS B 268 3.68 -16.80 4.51
N ARG B 269 3.64 -15.64 3.86
CA ARG B 269 4.79 -14.77 3.65
C ARG B 269 4.82 -13.68 4.71
N GLU B 270 5.94 -13.53 5.42
CA GLU B 270 6.11 -12.41 6.33
C GLU B 270 6.02 -11.11 5.53
N PRO B 271 5.41 -10.04 6.07
CA PRO B 271 5.06 -9.87 7.50
C PRO B 271 3.70 -10.49 8.00
N MET B 272 2.99 -11.23 7.16
N MET B 272 2.98 -11.23 7.17
CA MET B 272 1.93 -12.08 7.71
CA MET B 272 1.88 -12.06 7.70
C MET B 272 2.55 -13.12 8.67
C MET B 272 2.44 -13.23 8.53
N THR B 273 1.75 -13.59 9.61
CA THR B 273 2.20 -14.74 10.42
C THR B 273 2.40 -15.96 9.49
N LYS B 274 3.56 -16.59 9.58
CA LYS B 274 4.01 -17.54 8.59
C LYS B 274 3.41 -18.93 8.77
N GLU B 275 3.04 -19.29 10.01
CA GLU B 275 2.37 -20.57 10.25
C GLU B 275 1.41 -20.49 11.45
N LEU B 276 0.42 -21.39 11.48
CA LEU B 276 -0.55 -21.44 12.57
C LEU B 276 0.08 -21.93 13.84
N SER B 277 -0.40 -21.41 14.97
CA SER B 277 -0.11 -22.09 16.21
C SER B 277 -0.69 -23.51 16.17
N SER B 278 -0.10 -24.40 16.98
CA SER B 278 -0.54 -25.77 17.07
C SER B 278 -2.04 -25.94 17.38
N GLU B 279 -2.53 -25.14 18.33
N GLU B 279 -2.59 -25.17 18.32
CA GLU B 279 -3.96 -25.02 18.69
CA GLU B 279 -4.04 -25.22 18.59
C GLU B 279 -4.81 -24.72 17.45
C GLU B 279 -4.89 -24.70 17.44
N LYS B 280 -4.34 -23.79 16.63
CA LYS B 280 -5.09 -23.37 15.43
C LYS B 280 -4.98 -24.39 14.30
N VAL B 281 -3.86 -25.13 14.22
CA VAL B 281 -3.76 -26.28 13.37
C VAL B 281 -4.86 -27.32 13.73
N ALA B 282 -4.99 -27.68 15.01
CA ALA B 282 -6.08 -28.55 15.44
C ALA B 282 -7.48 -28.01 15.04
N PHE B 283 -7.68 -26.71 15.18
CA PHE B 283 -8.95 -26.08 14.82
C PHE B 283 -9.21 -26.24 13.32
N ALA B 284 -8.19 -26.07 12.48
CA ALA B 284 -8.35 -26.26 11.02
C ALA B 284 -8.74 -27.72 10.74
N LYS B 285 -8.17 -28.65 11.52
CA LYS B 285 -8.53 -30.09 11.41
C LYS B 285 -10.00 -30.34 11.70
N GLU B 286 -10.55 -29.62 12.69
CA GLU B 286 -11.95 -29.70 13.07
C GLU B 286 -12.87 -29.20 11.95
N LEU B 287 -12.49 -28.07 11.36
CA LEU B 287 -13.17 -27.54 10.19
C LEU B 287 -13.18 -28.54 9.04
N LYS B 288 -12.04 -29.13 8.77
CA LYS B 288 -11.88 -30.16 7.74
C LYS B 288 -12.87 -31.32 7.98
N ALA B 289 -12.86 -31.83 9.21
CA ALA B 289 -13.73 -32.94 9.58
C ALA B 289 -15.23 -32.56 9.49
N LYS B 290 -15.56 -31.35 9.92
CA LYS B 290 -16.92 -30.91 9.97
C LYS B 290 -17.49 -30.53 8.61
N TYR B 291 -16.66 -29.96 7.74
CA TYR B 291 -17.18 -29.22 6.55
C TYR B 291 -16.63 -29.76 5.22
N LEU B 292 -15.48 -30.40 5.25
CA LEU B 292 -14.76 -30.70 4.00
C LEU B 292 -14.30 -32.16 3.87
N SER B 293 -15.03 -33.10 4.41
CA SER B 293 -14.53 -34.46 4.24
C SER B 293 -15.53 -35.53 3.86
O1A SI3 C . 7.61 11.69 4.08
C1 SI3 C . 6.48 12.20 4.33
O1B SI3 C . 5.69 12.18 3.42
C2 SI3 C . 5.98 12.64 5.57
O2 SI3 C . 5.16 11.83 6.10
C3 SI3 C . 6.46 13.96 6.11
C4 SI3 C . 5.37 14.88 6.63
O4 SI3 C . 4.70 14.08 7.64
C5 SI3 C . 4.33 15.26 5.53
N5 SI3 C . 3.36 14.14 5.31
C10 SI3 C . 2.91 13.83 4.08
C11 SI3 C . 2.12 12.54 3.93
O10 SI3 C . 3.15 14.59 3.09
C6 SI3 C . 3.66 16.51 6.00
O6 SI3 C . 4.78 17.38 6.07
C7 SI3 C . 2.56 17.14 5.12
O7 SI3 C . 3.04 17.07 3.79
C8 SI3 C . 2.17 18.56 5.49
O8 SI3 C . 2.06 18.66 6.95
C9 SI3 C . 0.87 19.06 4.91
O9 SI3 C . -0.16 18.10 5.14
C7 ME2 D . -5.25 3.61 19.57
C6 ME2 D . -5.31 4.51 20.79
O3 ME2 D . -4.88 5.82 20.41
C5 ME2 D . -5.41 6.90 21.22
C4 ME2 D . -4.54 7.06 22.46
O2 ME2 D . -4.87 8.16 23.30
C3 ME2 D . -4.23 8.13 24.63
C2 ME2 D . -4.45 6.77 25.32
O1 ME2 D . -4.15 6.64 26.71
C1 ME2 D . -4.09 5.23 27.06
CL CL E . -4.66 11.46 12.45
CL CL F . 11.73 5.60 28.29
C1 IPA G . -2.93 -2.07 14.64
C2 IPA G . -4.01 -2.88 15.35
C3 IPA G . -4.24 -4.20 14.63
O2 IPA G . -3.60 -3.16 16.69
C1 IPA H . 16.87 4.47 22.31
C2 IPA H . 16.91 5.53 23.39
C3 IPA H . 16.03 6.72 23.07
O2 IPA H . 16.49 4.89 24.60
O1A SI3 I . -7.75 -11.17 -2.25
C1 SI3 I . -8.18 -11.53 -3.33
O1B SI3 I . -7.40 -12.05 -4.15
C2 SI3 I . -9.54 -11.17 -3.58
O2 SI3 I . -9.76 -9.92 -3.44
C3 SI3 I . -10.50 -12.29 -3.82
C4 SI3 I . -11.62 -12.31 -2.81
O4 SI3 I . -12.26 -11.02 -2.94
C5 SI3 I . -11.17 -12.47 -1.33
N5 SI3 I . -10.76 -11.19 -0.73
C10 SI3 I . -9.68 -11.04 0.08
C11 SI3 I . -9.34 -9.66 0.46
O10 SI3 I . -9.04 -12.04 0.54
C6 SI3 I . -12.34 -13.05 -0.60
O6 SI3 I . -12.59 -14.27 -1.23
C7 SI3 I . -12.28 -13.20 0.96
O7 SI3 I . -10.96 -13.79 1.22
C8 SI3 I . -13.44 -13.97 1.52
O8 SI3 I . -14.72 -13.39 1.07
C9 SI3 I . -13.46 -13.98 3.08
O9 SI3 I . -13.74 -12.64 3.58
C7 ME2 J . -10.61 1.12 5.34
C6 ME2 J . -9.42 0.94 4.41
O3 ME2 J . -8.57 2.08 4.60
C5 ME2 J . -7.31 1.90 4.04
C4 ME2 J . -6.50 3.15 4.25
O2 ME2 J . -7.27 3.94 5.09
C3 ME2 J . -6.62 5.20 5.18
C2 ME2 J . -7.07 5.84 6.46
O1 ME2 J . -8.13 6.74 6.20
C1 ME2 J . -9.19 6.52 7.16
C7 ME2 K . -24.57 8.61 -7.81
C6 ME2 K . -25.20 7.40 -8.45
O3 ME2 K . -26.34 6.96 -7.69
C5 ME2 K . -26.31 5.54 -7.41
C4 ME2 K . -25.36 5.32 -6.24
O2 ME2 K . -25.21 3.95 -5.76
C3 ME2 K . -24.35 3.89 -4.56
C2 ME2 K . -22.96 4.34 -4.98
O1 ME2 K . -22.03 4.57 -3.88
C1 ME2 K . -20.95 5.49 -4.21
CL CL L . -22.89 -1.87 -20.67
#